data_2HSI
#
_entry.id   2HSI
#
_cell.length_a   108.313
_cell.length_b   108.313
_cell.length_c   83.181
_cell.angle_alpha   90.00
_cell.angle_beta   90.00
_cell.angle_gamma   120.00
#
_symmetry.space_group_name_H-M   'P 61'
#
loop_
_entity.id
_entity.type
_entity.pdbx_description
1 polymer 'Putative peptidase M23'
2 non-polymer 'ZINC ION'
3 water water
#
_entity_poly.entity_id   1
_entity_poly.type   'polypeptide(L)'
_entity_poly.pdbx_seq_one_letter_code
;MPRTLAFVSTLLLAAFCALPAQADSFIMRLLNKPVPGGVAVVDLGEEGPPPRAFYQGKPVLVVREEGRRWIAVVGIPLST
KPGPQKLEVRAATGNHEERFSVGSKHYREQRITLKNKRQVNPLPEDLKRIERELAEQTAAYRRFSPGLPSNLMLDKPVDG
PLSSPFGLRRFFNGEERNPHSGLDFAVPAGTPIKAPAAGKVILIGDYFFNGKTVFVDHGQGFISMFCHLSKIDVKLGQQV
PRGGVLGKVGATGRATGPHMHWNVSLNDARVDPAIFIGAFQP
;
_entity_poly.pdbx_strand_id   A,B
#
loop_
_chem_comp.id
_chem_comp.type
_chem_comp.name
_chem_comp.formula
ZN non-polymer 'ZINC ION' 'Zn 2'
#
# COMPACT_ATOMS: atom_id res chain seq x y z
N SER A 25 -12.52 8.71 -6.41
CA SER A 25 -12.08 8.39 -5.02
C SER A 25 -11.71 9.64 -4.23
N PHE A 26 -11.56 9.48 -2.91
CA PHE A 26 -11.14 10.56 -2.03
C PHE A 26 -9.75 11.07 -2.39
N ILE A 27 -8.87 10.16 -2.78
CA ILE A 27 -7.50 10.51 -3.16
C ILE A 27 -7.43 11.23 -4.51
N MET A 28 -8.38 10.92 -5.41
CA MET A 28 -8.56 11.66 -6.65
C MET A 28 -9.09 13.07 -6.36
N ARG A 29 -10.03 13.16 -5.43
CA ARG A 29 -10.60 14.45 -5.04
C ARG A 29 -9.59 15.35 -4.33
N LEU A 30 -8.69 14.73 -3.57
CA LEU A 30 -7.66 15.46 -2.84
C LEU A 30 -6.48 15.90 -3.72
N LEU A 31 -5.97 14.99 -4.53
CA LEU A 31 -4.71 15.21 -5.22
C LEU A 31 -4.80 15.76 -6.63
N ASN A 32 -5.95 15.60 -7.29
CA ASN A 32 -6.09 16.13 -8.65
C ASN A 32 -6.27 17.65 -8.66
N LYS A 33 -5.14 18.36 -8.64
CA LYS A 33 -5.11 19.82 -8.75
C LYS A 33 -4.17 20.16 -9.90
N PRO A 34 -4.60 19.93 -11.16
CA PRO A 34 -3.64 20.08 -12.26
C PRO A 34 -3.45 21.54 -12.70
N VAL A 35 -2.51 22.20 -12.05
CA VAL A 35 -2.11 23.58 -12.35
C VAL A 35 -0.55 23.58 -12.32
N PRO A 36 0.12 24.65 -12.81
CA PRO A 36 1.59 24.65 -12.64
C PRO A 36 1.96 24.67 -11.15
N GLY A 37 2.95 23.87 -10.75
CA GLY A 37 3.26 23.69 -9.32
C GLY A 37 2.32 22.72 -8.62
N GLY A 38 1.38 22.13 -9.38
CA GLY A 38 0.35 21.27 -8.82
C GLY A 38 0.52 19.80 -9.17
N VAL A 39 -0.59 19.05 -9.11
CA VAL A 39 -0.59 17.59 -9.26
C VAL A 39 -1.72 17.12 -10.20
N ALA A 40 -1.41 16.23 -11.13
CA ALA A 40 -2.47 15.64 -11.96
C ALA A 40 -2.57 14.16 -11.69
N VAL A 41 -3.79 13.69 -11.43
CA VAL A 41 -4.07 12.26 -11.28
C VAL A 41 -4.58 11.74 -12.62
N VAL A 42 -3.85 10.80 -13.22
CA VAL A 42 -4.14 10.37 -14.59
C VAL A 42 -4.48 8.89 -14.64
N ASP A 43 -5.66 8.57 -15.15
CA ASP A 43 -6.08 7.19 -15.45
C ASP A 43 -5.11 6.63 -16.50
N LEU A 44 -4.47 5.51 -16.16
CA LEU A 44 -3.51 4.90 -17.09
C LEU A 44 -4.13 3.94 -18.11
N GLY A 45 -5.40 3.61 -17.95
CA GLY A 45 -6.03 2.57 -18.78
C GLY A 45 -5.38 1.21 -18.60
N GLU A 46 -5.02 0.90 -17.35
CA GLU A 46 -4.36 -0.35 -16.99
C GLU A 46 -4.94 -0.88 -15.66
N GLU A 47 -5.11 -2.20 -15.55
CA GLU A 47 -5.65 -2.81 -14.32
C GLU A 47 -4.94 -4.11 -13.94
N GLY A 48 -4.11 -4.63 -14.84
CA GLY A 48 -3.36 -5.87 -14.62
C GLY A 48 -2.02 -5.64 -13.94
N PRO A 49 -0.91 -6.14 -14.55
CA PRO A 49 0.42 -5.93 -13.98
C PRO A 49 0.73 -4.43 -13.87
N PRO A 50 1.60 -4.03 -12.92
CA PRO A 50 1.90 -2.59 -12.77
C PRO A 50 2.55 -1.98 -14.01
N PRO A 51 1.93 -0.92 -14.55
CA PRO A 51 2.59 -0.25 -15.66
C PRO A 51 3.65 0.72 -15.13
N ARG A 52 4.54 1.15 -16.01
CA ARG A 52 5.44 2.25 -15.69
C ARG A 52 4.97 3.49 -16.47
N ALA A 53 5.20 4.67 -15.90
CA ALA A 53 4.76 5.91 -16.55
C ALA A 53 5.88 6.95 -16.48
N PHE A 54 5.91 7.84 -17.47
CA PHE A 54 6.97 8.85 -17.61
C PHE A 54 6.34 10.16 -18.03
N TYR A 55 6.76 11.24 -17.38
CA TYR A 55 6.35 12.61 -17.75
C TYR A 55 7.58 13.47 -17.97
N GLN A 56 7.69 14.02 -19.17
CA GLN A 56 8.87 14.80 -19.61
C GLN A 56 10.18 13.98 -19.46
N GLY A 57 10.08 12.68 -19.67
CA GLY A 57 11.25 11.78 -19.58
C GLY A 57 11.59 11.28 -18.18
N LYS A 58 10.85 11.74 -17.17
CA LYS A 58 11.09 11.39 -15.77
C LYS A 58 10.08 10.35 -15.30
N PRO A 59 10.53 9.30 -14.59
CA PRO A 59 9.61 8.28 -14.08
C PRO A 59 8.64 8.83 -13.04
N VAL A 60 7.39 8.36 -13.10
CA VAL A 60 6.27 8.90 -12.34
C VAL A 60 5.67 7.84 -11.39
N LEU A 61 5.22 8.29 -10.22
CA LEU A 61 4.52 7.45 -9.22
C LEU A 61 3.24 6.82 -9.78
N VAL A 62 3.19 5.49 -9.68
CA VAL A 62 2.07 4.70 -10.18
C VAL A 62 1.49 3.87 -9.04
N VAL A 63 0.19 4.02 -8.78
CA VAL A 63 -0.48 3.31 -7.70
C VAL A 63 -1.84 2.82 -8.17
N ARG A 64 -2.38 1.79 -7.54
CA ARG A 64 -3.78 1.42 -7.74
C ARG A 64 -4.66 2.41 -6.97
N GLU A 65 -5.74 2.88 -7.61
CA GLU A 65 -6.70 3.75 -6.94
C GLU A 65 -7.61 2.89 -6.06
N GLU A 66 -7.36 2.95 -4.76
CA GLU A 66 -8.03 2.09 -3.76
C GLU A 66 -8.06 0.60 -4.16
N GLY A 67 -6.96 0.11 -4.73
CA GLY A 67 -6.86 -1.28 -5.16
C GLY A 67 -7.41 -1.60 -6.54
N ARG A 68 -7.91 -0.58 -7.23
CA ARG A 68 -8.56 -0.81 -8.51
C ARG A 68 -7.65 -0.42 -9.68
N ARG A 69 -8.08 0.56 -10.48
CA ARG A 69 -7.36 0.96 -11.69
C ARG A 69 -6.03 1.59 -11.33
N TRP A 70 -5.05 1.35 -12.20
CA TRP A 70 -3.75 2.01 -12.10
C TRP A 70 -3.84 3.49 -12.51
N ILE A 71 -3.33 4.34 -11.63
CA ILE A 71 -3.30 5.78 -11.88
C ILE A 71 -1.86 6.28 -11.72
N ALA A 72 -1.51 7.32 -12.47
CA ALA A 72 -0.27 8.05 -12.20
C ALA A 72 -0.60 9.30 -11.38
N VAL A 73 0.29 9.63 -10.44
CA VAL A 73 0.15 10.83 -9.61
C VAL A 73 1.34 11.69 -10.00
N VAL A 74 1.07 12.72 -10.81
CA VAL A 74 2.10 13.39 -11.61
C VAL A 74 2.36 14.79 -11.07
N GLY A 75 3.63 15.08 -10.77
CA GLY A 75 4.02 16.42 -10.34
C GLY A 75 4.20 17.32 -11.55
N ILE A 76 3.60 18.52 -11.49
CA ILE A 76 3.68 19.49 -12.60
CA ILE A 76 3.68 19.49 -12.60
C ILE A 76 4.61 20.64 -12.21
N PRO A 77 5.75 20.78 -12.90
CA PRO A 77 6.65 21.89 -12.54
C PRO A 77 5.97 23.27 -12.63
N LEU A 78 6.41 24.19 -11.78
CA LEU A 78 5.85 25.55 -11.74
C LEU A 78 6.04 26.32 -13.05
N SER A 79 7.09 25.97 -13.81
CA SER A 79 7.35 26.59 -15.11
C SER A 79 6.50 26.05 -16.27
N THR A 80 5.70 25.01 -16.01
CA THR A 80 4.86 24.41 -17.05
C THR A 80 3.77 25.36 -17.55
N LYS A 81 3.75 25.57 -18.87
CA LYS A 81 2.72 26.36 -19.49
C LYS A 81 1.42 25.56 -19.50
N PRO A 82 0.31 26.19 -19.07
CA PRO A 82 -1.00 25.54 -19.16
C PRO A 82 -1.31 25.05 -20.59
N GLY A 83 -1.98 23.90 -20.67
CA GLY A 83 -2.28 23.27 -21.94
C GLY A 83 -2.29 21.75 -21.82
N PRO A 84 -2.46 21.05 -22.96
CA PRO A 84 -2.44 19.59 -22.99
C PRO A 84 -1.04 19.08 -22.69
N GLN A 85 -0.97 17.93 -22.02
CA GLN A 85 0.31 17.27 -21.67
C GLN A 85 0.20 15.80 -22.01
N LYS A 86 1.34 15.13 -22.15
CA LYS A 86 1.41 13.72 -22.53
C LYS A 86 2.14 12.94 -21.43
N LEU A 87 1.62 11.76 -21.11
CA LEU A 87 2.28 10.80 -20.24
C LEU A 87 2.58 9.57 -21.06
N GLU A 88 3.83 9.12 -21.04
CA GLU A 88 4.21 7.88 -21.69
C GLU A 88 3.96 6.70 -20.73
N VAL A 89 3.17 5.74 -21.16
CA VAL A 89 2.86 4.58 -20.32
C VAL A 89 3.51 3.37 -20.95
N ARG A 90 4.20 2.59 -20.11
CA ARG A 90 4.85 1.35 -20.54
C ARG A 90 4.26 0.14 -19.84
N ALA A 91 3.76 -0.80 -20.64
CA ALA A 91 3.19 -2.02 -20.12
C ALA A 91 3.57 -3.18 -21.04
N ALA A 92 3.68 -4.38 -20.48
CA ALA A 92 4.05 -5.59 -21.24
C ALA A 92 3.16 -5.75 -22.46
N THR A 93 1.86 -5.53 -22.27
CA THR A 93 0.87 -5.63 -23.35
C THR A 93 0.94 -4.48 -24.36
N GLY A 94 1.93 -3.59 -24.22
CA GLY A 94 2.14 -2.54 -25.20
C GLY A 94 2.15 -1.15 -24.62
N ASN A 95 3.03 -0.31 -25.17
CA ASN A 95 3.17 1.06 -24.71
C ASN A 95 2.09 1.94 -25.31
N HIS A 96 1.75 3.01 -24.59
CA HIS A 96 0.74 3.96 -25.06
C HIS A 96 0.93 5.29 -24.37
N GLU A 97 0.39 6.36 -24.97
CA GLU A 97 0.46 7.67 -24.37
C GLU A 97 -0.91 8.07 -23.86
N GLU A 98 -0.92 8.74 -22.72
CA GLU A 98 -2.17 9.22 -22.16
C GLU A 98 -2.09 10.71 -21.93
N ARG A 99 -3.03 11.44 -22.52
CA ARG A 99 -3.04 12.89 -22.37
C ARG A 99 -3.78 13.36 -21.14
N PHE A 100 -3.34 14.49 -20.61
CA PHE A 100 -4.03 15.17 -19.54
C PHE A 100 -3.88 16.67 -19.76
N SER A 101 -4.54 17.47 -18.93
CA SER A 101 -4.51 18.92 -19.13
C SER A 101 -4.00 19.62 -17.89
N VAL A 102 -3.18 20.64 -18.11
CA VAL A 102 -2.77 21.53 -17.03
C VAL A 102 -3.54 22.86 -17.20
N GLY A 103 -4.33 23.20 -16.19
CA GLY A 103 -5.07 24.47 -16.17
C GLY A 103 -4.22 25.56 -15.55
N SER A 104 -4.74 26.78 -15.49
CA SER A 104 -3.95 27.90 -14.99
C SER A 104 -4.20 28.16 -13.50
N LYS A 105 -3.20 28.75 -12.84
CA LYS A 105 -3.35 29.26 -11.48
C LYS A 105 -2.60 30.58 -11.31
N PRO A 124 31.56 33.95 -1.63
CA PRO A 124 31.82 33.16 -0.40
C PRO A 124 31.36 31.71 -0.57
N GLU A 125 32.26 30.75 -0.42
CA GLU A 125 33.70 30.98 -0.36
C GLU A 125 34.30 30.31 -1.59
N ASP A 126 34.03 29.01 -1.72
CA ASP A 126 34.23 28.32 -2.98
C ASP A 126 32.89 27.89 -3.59
N LEU A 127 32.68 28.32 -4.83
CA LEU A 127 31.48 27.99 -5.60
C LEU A 127 31.53 26.52 -6.03
N LYS A 128 32.71 25.93 -5.91
CA LYS A 128 32.98 24.51 -6.15
C LYS A 128 32.22 23.63 -5.16
N ARG A 129 32.19 24.06 -3.89
CA ARG A 129 31.33 23.45 -2.87
C ARG A 129 29.87 23.55 -3.27
N ILE A 130 29.40 24.77 -3.59
CA ILE A 130 28.00 25.04 -3.94
C ILE A 130 27.54 24.19 -5.13
N GLU A 131 28.41 24.06 -6.14
CA GLU A 131 28.15 23.24 -7.32
CA GLU A 131 28.17 23.23 -7.33
C GLU A 131 27.92 21.78 -6.93
N ARG A 132 28.79 21.27 -6.06
CA ARG A 132 28.70 19.90 -5.57
C ARG A 132 27.42 19.67 -4.74
N GLU A 133 27.09 20.62 -3.88
CA GLU A 133 25.85 20.60 -3.06
C GLU A 133 24.56 20.68 -3.88
N LEU A 134 24.56 21.50 -4.92
CA LEU A 134 23.47 21.52 -5.90
C LEU A 134 23.33 20.18 -6.61
N ALA A 135 24.47 19.60 -7.01
CA ALA A 135 24.48 18.31 -7.71
C ALA A 135 23.94 17.15 -6.85
N GLU A 136 24.28 17.16 -5.56
CA GLU A 136 23.79 16.12 -4.62
C GLU A 136 22.29 16.20 -4.46
N GLN A 137 21.78 17.41 -4.30
CA GLN A 137 20.35 17.62 -4.11
C GLN A 137 19.54 17.32 -5.37
N THR A 138 20.10 17.69 -6.53
CA THR A 138 19.48 17.40 -7.83
C THR A 138 19.36 15.87 -8.05
N ALA A 139 20.45 15.15 -7.77
CA ALA A 139 20.45 13.69 -7.84
C ALA A 139 19.43 13.04 -6.90
N ALA A 140 19.30 13.58 -5.68
CA ALA A 140 18.36 13.02 -4.69
C ALA A 140 16.90 13.11 -5.14
N TYR A 141 16.49 14.26 -5.67
CA TYR A 141 15.13 14.41 -6.21
C TYR A 141 14.83 13.46 -7.38
N ARG A 142 15.87 13.04 -8.10
CA ARG A 142 15.73 12.16 -9.26
C ARG A 142 15.78 10.68 -8.91
N ARG A 143 15.99 10.36 -7.63
CA ARG A 143 15.89 8.97 -7.17
C ARG A 143 14.48 8.40 -7.40
N PHE A 144 14.41 7.22 -8.00
CA PHE A 144 13.14 6.56 -8.25
C PHE A 144 13.19 5.12 -7.74
N SER A 145 12.91 4.94 -6.45
CA SER A 145 12.94 3.62 -5.82
C SER A 145 11.60 2.92 -6.09
N PRO A 146 11.57 1.56 -6.05
CA PRO A 146 10.35 0.83 -6.48
C PRO A 146 9.11 0.81 -5.57
N GLY A 147 9.28 1.15 -4.29
CA GLY A 147 8.21 0.98 -3.32
C GLY A 147 7.06 1.96 -3.39
N LEU A 148 5.91 1.52 -2.92
CA LEU A 148 4.70 2.33 -2.87
C LEU A 148 4.69 3.13 -1.57
N PRO A 149 4.37 4.43 -1.65
CA PRO A 149 4.17 5.29 -0.49
C PRO A 149 3.17 4.73 0.51
N SER A 150 3.50 4.92 1.78
CA SER A 150 2.65 4.46 2.89
C SER A 150 1.31 5.20 2.90
N ASN A 151 1.36 6.49 2.58
CA ASN A 151 0.16 7.33 2.48
C ASN A 151 0.41 8.46 1.50
N LEU A 152 -0.61 8.79 0.71
CA LEU A 152 -0.48 9.88 -0.26
C LEU A 152 -0.97 11.17 0.33
N MET A 153 -1.97 11.09 1.22
CA MET A 153 -2.33 12.24 2.04
C MET A 153 -1.32 12.31 3.17
N LEU A 154 -0.61 13.42 3.23
CA LEU A 154 0.53 13.58 4.14
C LEU A 154 0.14 14.30 5.42
N ASP A 155 0.81 13.94 6.51
CA ASP A 155 0.68 14.70 7.75
C ASP A 155 1.51 15.95 7.63
N LYS A 156 1.05 17.01 8.30
CA LYS A 156 1.89 18.18 8.54
C LYS A 156 3.13 17.71 9.31
N PRO A 157 4.32 18.13 8.85
CA PRO A 157 5.56 17.75 9.53
C PRO A 157 5.80 18.46 10.87
N VAL A 158 5.12 19.58 11.09
CA VAL A 158 5.14 20.26 12.40
C VAL A 158 3.74 20.69 12.80
N ASP A 159 3.46 20.68 14.11
CA ASP A 159 2.18 21.14 14.64
CA ASP A 159 2.18 21.15 14.62
C ASP A 159 2.20 22.66 14.82
N GLY A 160 1.95 23.38 13.72
CA GLY A 160 1.95 24.83 13.73
C GLY A 160 1.33 25.39 12.47
N PRO A 161 1.01 26.70 12.47
CA PRO A 161 0.35 27.35 11.34
C PRO A 161 1.26 27.46 10.12
N LEU A 162 0.68 27.41 8.94
CA LEU A 162 1.40 27.60 7.69
C LEU A 162 1.83 29.06 7.57
N SER A 163 2.99 29.29 6.98
CA SER A 163 3.52 30.62 6.78
C SER A 163 3.55 30.94 5.27
N SER A 164 4.74 31.02 4.68
CA SER A 164 4.88 31.30 3.26
C SER A 164 4.47 30.13 2.34
N PRO A 165 3.70 30.42 1.28
CA PRO A 165 3.45 29.64 0.06
C PRO A 165 4.77 29.61 -0.78
N PHE A 166 5.03 28.73 -1.76
CA PHE A 166 4.13 28.00 -2.69
C PHE A 166 2.70 28.47 -2.98
N PRO A 179 11.84 31.51 -7.24
CA PRO A 179 10.54 31.36 -6.60
C PRO A 179 10.60 30.46 -5.36
N HIS A 180 9.66 30.66 -4.43
CA HIS A 180 9.60 29.86 -3.20
C HIS A 180 9.12 28.44 -3.51
N SER A 181 10.05 27.50 -3.48
CA SER A 181 9.84 26.14 -4.01
C SER A 181 9.21 25.15 -3.02
N GLY A 182 8.80 25.64 -1.85
CA GLY A 182 8.14 24.81 -0.84
C GLY A 182 7.15 25.55 0.04
N LEU A 183 6.84 24.96 1.20
CA LEU A 183 5.88 25.51 2.15
C LEU A 183 6.53 25.81 3.50
N ASP A 184 6.29 27.01 4.03
CA ASP A 184 6.81 27.38 5.35
C ASP A 184 5.78 27.19 6.45
N PHE A 185 6.28 26.97 7.66
CA PHE A 185 5.46 26.92 8.86
C PHE A 185 6.04 27.87 9.90
N ALA A 186 5.15 28.62 10.55
CA ALA A 186 5.53 29.53 11.63
C ALA A 186 5.65 28.74 12.94
N VAL A 187 6.86 28.23 13.18
CA VAL A 187 7.19 27.48 14.40
C VAL A 187 8.57 27.91 14.90
N PRO A 188 8.79 27.89 16.23
CA PRO A 188 10.10 28.28 16.76
C PRO A 188 11.20 27.24 16.53
N ALA A 189 12.45 27.64 16.72
CA ALA A 189 13.59 26.73 16.70
C ALA A 189 13.47 25.67 17.79
N GLY A 190 13.80 24.43 17.44
CA GLY A 190 13.68 23.31 18.36
C GLY A 190 12.39 22.52 18.26
N THR A 191 11.43 23.01 17.47
CA THR A 191 10.21 22.26 17.17
C THR A 191 10.58 20.96 16.44
N PRO A 192 10.08 19.80 16.93
CA PRO A 192 10.38 18.52 16.26
C PRO A 192 9.70 18.42 14.89
N ILE A 193 10.44 17.89 13.91
CA ILE A 193 9.94 17.72 12.54
C ILE A 193 9.67 16.24 12.32
N LYS A 194 8.44 15.92 11.96
CA LYS A 194 8.01 14.53 11.79
C LYS A 194 7.83 14.14 10.32
N ALA A 195 8.19 12.90 9.99
CA ALA A 195 8.00 12.36 8.63
C ALA A 195 6.52 12.41 8.24
N PRO A 196 6.21 13.11 7.14
CA PRO A 196 4.81 13.22 6.63
C PRO A 196 4.23 11.89 6.16
N ALA A 197 5.11 10.98 5.72
CA ALA A 197 4.80 9.59 5.37
C ALA A 197 6.04 8.78 5.69
N ALA A 198 5.93 7.46 5.66
CA ALA A 198 7.11 6.60 5.85
C ALA A 198 8.09 6.78 4.70
N GLY A 199 9.36 6.47 4.95
CA GLY A 199 10.36 6.59 3.89
C GLY A 199 11.77 6.34 4.34
N LYS A 200 12.68 6.34 3.37
CA LYS A 200 14.10 6.12 3.64
C LYS A 200 14.84 7.47 3.50
N VAL A 201 15.70 7.76 4.47
CA VAL A 201 16.59 8.94 4.40
C VAL A 201 17.63 8.70 3.30
N ILE A 202 17.51 9.45 2.21
CA ILE A 202 18.39 9.25 1.05
C ILE A 202 19.44 10.36 0.90
N LEU A 203 19.33 11.40 1.72
CA LEU A 203 20.33 12.50 1.71
C LEU A 203 20.33 13.33 2.99
N ILE A 204 21.53 13.57 3.51
CA ILE A 204 21.75 14.44 4.65
C ILE A 204 22.90 15.35 4.25
N GLY A 205 22.72 16.65 4.40
CA GLY A 205 23.78 17.58 4.11
C GLY A 205 23.79 18.75 5.05
N ASP A 206 24.90 19.47 5.04
CA ASP A 206 24.98 20.76 5.71
CA ASP A 206 25.02 20.74 5.72
C ASP A 206 25.48 21.71 4.64
N TYR A 207 24.52 22.37 4.02
CA TYR A 207 24.76 23.11 2.78
C TYR A 207 24.88 24.60 2.99
N PHE A 208 25.57 25.26 2.07
CA PHE A 208 25.81 26.70 2.14
C PHE A 208 24.51 27.51 2.22
N PHE A 209 23.56 27.24 1.33
CA PHE A 209 22.28 27.96 1.30
C PHE A 209 21.22 27.33 2.20
N ASN A 210 21.02 26.03 2.06
CA ASN A 210 19.93 25.32 2.71
C ASN A 210 20.21 24.88 4.15
N GLY A 211 21.45 24.99 4.61
CA GLY A 211 21.83 24.52 5.95
C GLY A 211 21.64 23.03 6.13
N LYS A 212 21.30 22.62 7.36
CA LYS A 212 21.10 21.20 7.64
C LYS A 212 19.86 20.71 6.91
N THR A 213 20.08 19.76 6.01
CA THR A 213 19.06 19.37 5.04
C THR A 213 18.91 17.87 5.10
N VAL A 214 17.66 17.40 5.06
CA VAL A 214 17.36 15.98 5.03
C VAL A 214 16.32 15.66 3.94
N PHE A 215 16.60 14.64 3.15
CA PHE A 215 15.66 14.15 2.12
C PHE A 215 15.13 12.78 2.54
N VAL A 216 13.80 12.63 2.50
CA VAL A 216 13.11 11.37 2.79
C VAL A 216 12.37 10.85 1.54
N ASP A 217 12.78 9.67 1.09
CA ASP A 217 12.18 9.05 -0.09
C ASP A 217 10.96 8.20 0.31
N HIS A 218 9.76 8.69 -0.01
CA HIS A 218 8.55 7.93 0.28
C HIS A 218 8.31 6.80 -0.73
N GLY A 219 9.06 6.82 -1.84
CA GLY A 219 8.98 5.79 -2.86
C GLY A 219 8.53 6.34 -4.20
N GLN A 220 9.09 5.80 -5.29
CA GLN A 220 8.72 6.15 -6.67
C GLN A 220 8.73 7.66 -6.94
N GLY A 221 9.82 8.29 -6.53
CA GLY A 221 10.05 9.71 -6.77
C GLY A 221 9.31 10.68 -5.87
N PHE A 222 8.44 10.15 -5.00
CA PHE A 222 7.67 10.95 -4.06
C PHE A 222 8.58 11.23 -2.88
N ILE A 223 9.04 12.47 -2.77
CA ILE A 223 10.15 12.82 -1.86
C ILE A 223 9.84 14.08 -1.04
N SER A 224 10.06 14.01 0.28
CA SER A 224 10.06 15.21 1.12
C SER A 224 11.48 15.68 1.40
N MET A 225 11.67 16.98 1.36
CA MET A 225 12.95 17.59 1.74
C MET A 225 12.67 18.60 2.84
N PHE A 226 13.57 18.66 3.82
CA PHE A 226 13.51 19.65 4.90
C PHE A 226 14.86 20.29 5.08
N CYS A 227 14.90 21.61 5.17
CA CYS A 227 16.17 22.31 5.30
C CYS A 227 16.15 23.36 6.42
N HIS A 228 17.33 23.96 6.66
CA HIS A 228 17.60 24.89 7.77
C HIS A 228 17.43 24.29 9.16
N LEU A 229 17.59 22.98 9.30
CA LEU A 229 17.37 22.31 10.60
C LEU A 229 18.46 22.69 11.61
N SER A 230 18.11 22.72 12.89
CA SER A 230 19.10 22.90 13.95
C SER A 230 19.78 21.56 14.28
N LYS A 231 19.04 20.47 14.09
CA LYS A 231 19.42 19.14 14.53
C LYS A 231 18.80 18.15 13.55
N ILE A 232 19.57 17.14 13.15
CA ILE A 232 19.08 16.00 12.37
C ILE A 232 19.26 14.74 13.24
N ASP A 233 18.14 14.02 13.48
CA ASP A 233 18.09 12.90 14.43
C ASP A 233 18.16 11.54 13.76
N VAL A 234 18.17 11.55 12.42
CA VAL A 234 18.20 10.32 11.62
C VAL A 234 19.56 10.13 10.91
N LYS A 235 19.78 8.92 10.42
CA LYS A 235 21.01 8.57 9.71
C LYS A 235 20.72 8.29 8.23
N LEU A 236 21.74 8.46 7.39
CA LEU A 236 21.62 8.12 5.97
C LEU A 236 21.24 6.66 5.77
N GLY A 237 20.20 6.42 4.99
CA GLY A 237 19.72 5.06 4.73
C GLY A 237 18.66 4.56 5.71
N GLN A 238 18.40 5.34 6.76
CA GLN A 238 17.45 4.93 7.81
C GLN A 238 16.01 4.91 7.31
N GLN A 239 15.29 3.85 7.65
CA GLN A 239 13.88 3.74 7.30
C GLN A 239 13.05 4.24 8.46
N VAL A 240 12.26 5.28 8.18
CA VAL A 240 11.49 5.98 9.21
C VAL A 240 9.99 5.78 8.98
N PRO A 241 9.21 5.62 10.06
CA PRO A 241 7.77 5.53 9.86
C PRO A 241 7.16 6.93 9.66
N ARG A 242 5.93 6.96 9.15
CA ARG A 242 5.12 8.19 9.20
C ARG A 242 5.06 8.68 10.66
N GLY A 243 5.41 9.94 10.87
CA GLY A 243 5.46 10.48 12.23
C GLY A 243 6.79 10.37 12.96
N GLY A 244 7.73 9.63 12.38
CA GLY A 244 9.08 9.49 12.95
C GLY A 244 9.76 10.84 12.99
N VAL A 245 10.45 11.13 14.11
CA VAL A 245 11.14 12.43 14.27
C VAL A 245 12.41 12.47 13.41
N LEU A 246 12.44 13.42 12.47
CA LEU A 246 13.60 13.60 11.59
C LEU A 246 14.68 14.47 12.22
N GLY A 247 14.24 15.45 13.00
CA GLY A 247 15.12 16.44 13.60
C GLY A 247 14.33 17.62 14.13
N LYS A 248 15.00 18.75 14.28
CA LYS A 248 14.44 19.92 14.94
C LYS A 248 14.57 21.17 14.06
N VAL A 249 13.55 22.03 14.09
CA VAL A 249 13.54 23.32 13.35
C VAL A 249 14.73 24.22 13.76
N GLY A 250 15.30 24.91 12.78
CA GLY A 250 16.38 25.86 13.06
C GLY A 250 16.52 26.98 12.05
N ALA A 251 17.72 27.54 12.01
CA ALA A 251 18.04 28.70 11.17
C ALA A 251 19.39 28.55 10.49
N THR A 252 19.83 27.31 10.26
CA THR A 252 21.12 27.04 9.62
C THR A 252 21.12 27.39 8.15
N GLY A 253 22.32 27.56 7.58
CA GLY A 253 22.48 28.01 6.20
C GLY A 253 22.14 29.48 6.07
N ARG A 254 21.61 29.87 4.92
CA ARG A 254 21.24 31.26 4.69
C ARG A 254 19.78 31.54 5.08
N ALA A 255 19.56 31.69 6.37
CA ALA A 255 18.25 32.00 6.92
C ALA A 255 18.33 33.16 7.91
N THR A 256 17.26 33.95 7.97
CA THR A 256 17.15 35.08 8.89
C THR A 256 16.12 34.79 9.99
N GLY A 257 16.56 34.06 11.02
CA GLY A 257 15.67 33.55 12.06
C GLY A 257 15.19 32.15 11.69
N PRO A 258 14.40 31.52 12.59
CA PRO A 258 13.92 30.15 12.40
C PRO A 258 13.07 29.99 11.13
N HIS A 259 13.44 29.02 10.30
CA HIS A 259 12.82 28.83 8.99
C HIS A 259 12.55 27.34 8.74
N MET A 260 11.36 26.92 9.11
CA MET A 260 10.84 25.59 8.81
C MET A 260 10.39 25.53 7.34
N HIS A 261 11.22 24.91 6.50
CA HIS A 261 10.93 24.79 5.07
C HIS A 261 10.76 23.33 4.66
N TRP A 262 9.65 23.06 3.97
CA TRP A 262 9.30 21.71 3.49
C TRP A 262 9.07 21.72 1.99
N ASN A 263 9.87 20.93 1.26
CA ASN A 263 9.65 20.67 -0.17
C ASN A 263 9.01 19.33 -0.37
N VAL A 264 8.08 19.23 -1.33
CA VAL A 264 7.55 17.95 -1.81
C VAL A 264 7.84 17.83 -3.30
N SER A 265 8.43 16.72 -3.69
CA SER A 265 8.75 16.48 -5.08
C SER A 265 8.04 15.22 -5.58
N LEU A 266 7.66 15.25 -6.85
CA LEU A 266 7.12 14.10 -7.57
C LEU A 266 7.71 14.18 -8.96
N ASN A 267 8.23 13.05 -9.46
CA ASN A 267 8.90 12.96 -10.76
C ASN A 267 9.85 14.13 -11.07
N ASP A 268 10.69 14.46 -10.09
CA ASP A 268 11.63 15.59 -10.18
C ASP A 268 10.95 16.95 -10.48
N ALA A 269 9.77 17.14 -9.89
CA ALA A 269 9.07 18.41 -9.96
C ALA A 269 8.64 18.81 -8.55
N ARG A 270 9.13 19.96 -8.09
CA ARG A 270 8.66 20.52 -6.81
C ARG A 270 7.23 21.03 -6.95
N VAL A 271 6.39 20.52 -6.05
CA VAL A 271 4.97 20.83 -6.07
C VAL A 271 4.53 21.36 -4.71
N ASP A 272 3.33 21.93 -4.68
CA ASP A 272 2.76 22.56 -3.51
C ASP A 272 2.42 21.55 -2.42
N PRO A 273 3.17 21.57 -1.31
CA PRO A 273 2.93 20.63 -0.22
C PRO A 273 1.54 20.77 0.41
N ALA A 274 0.91 21.94 0.26
CA ALA A 274 -0.44 22.20 0.79
C ALA A 274 -1.51 21.27 0.17
N ILE A 275 -1.30 20.86 -1.09
CA ILE A 275 -2.19 19.90 -1.78
C ILE A 275 -2.31 18.59 -0.97
N PHE A 276 -1.17 18.11 -0.49
CA PHE A 276 -1.08 16.82 0.20
C PHE A 276 -1.62 16.84 1.63
N ILE A 277 -1.69 18.01 2.24
CA ILE A 277 -2.23 18.12 3.60
C ILE A 277 -3.70 18.60 3.59
N GLY A 278 -4.21 18.87 2.40
CA GLY A 278 -5.59 19.32 2.21
C GLY A 278 -5.81 20.83 2.31
N ALA A 279 -4.79 21.61 1.94
CA ALA A 279 -4.81 23.06 2.13
C ALA A 279 -4.60 23.90 0.86
N PHE A 280 -4.91 23.32 -0.30
CA PHE A 280 -4.96 24.03 -1.59
C PHE A 280 -6.36 24.66 -1.69
N GLN A 281 -6.55 25.98 -1.90
CA GLN A 281 -5.58 27.05 -2.26
C GLN A 281 -5.05 26.96 -3.69
N SER B 25 -6.24 1.93 15.49
CA SER B 25 -6.80 2.32 14.18
C SER B 25 -8.11 1.60 13.88
N PHE B 26 -8.77 2.02 12.79
CA PHE B 26 -10.00 1.40 12.31
C PHE B 26 -9.76 -0.05 11.88
N ILE B 27 -8.62 -0.30 11.26
CA ILE B 27 -8.27 -1.64 10.79
C ILE B 27 -7.93 -2.60 11.94
N MET B 28 -7.45 -2.06 13.06
CA MET B 28 -7.26 -2.83 14.29
C MET B 28 -8.63 -3.15 14.91
N ARG B 29 -9.54 -2.19 14.89
CA ARG B 29 -10.91 -2.36 15.39
C ARG B 29 -11.72 -3.34 14.54
N LEU B 30 -11.43 -3.40 13.25
CA LEU B 30 -12.13 -4.29 12.33
C LEU B 30 -11.59 -5.71 12.44
N LEU B 31 -10.27 -5.85 12.36
CA LEU B 31 -9.68 -7.16 12.13
C LEU B 31 -9.27 -7.96 13.36
N ASN B 32 -9.04 -7.29 14.49
CA ASN B 32 -8.62 -8.03 15.67
C ASN B 32 -9.78 -8.77 16.34
N LYS B 33 -10.01 -10.00 15.89
CA LYS B 33 -11.05 -10.89 16.43
C LYS B 33 -10.39 -12.22 16.79
N PRO B 34 -9.59 -12.25 17.86
CA PRO B 34 -8.73 -13.42 18.09
C PRO B 34 -9.43 -14.61 18.75
N VAL B 35 -10.05 -15.43 17.91
CA VAL B 35 -10.79 -16.64 18.29
C VAL B 35 -10.36 -17.73 17.29
N PRO B 36 -10.65 -19.02 17.58
CA PRO B 36 -10.36 -20.02 16.54
C PRO B 36 -11.20 -19.73 15.29
N GLY B 37 -10.57 -19.75 14.12
CA GLY B 37 -11.24 -19.32 12.89
C GLY B 37 -11.27 -17.82 12.71
N GLY B 38 -10.65 -17.09 13.64
CA GLY B 38 -10.61 -15.63 13.61
C GLY B 38 -9.24 -15.06 13.26
N VAL B 39 -9.03 -13.80 13.62
CA VAL B 39 -7.85 -13.03 13.19
C VAL B 39 -7.24 -12.26 14.38
N ALA B 40 -5.93 -12.36 14.56
CA ALA B 40 -5.25 -11.59 15.60
C ALA B 40 -4.37 -10.52 14.98
N VAL B 41 -4.54 -9.30 15.43
CA VAL B 41 -3.66 -8.20 15.02
C VAL B 41 -2.58 -8.06 16.09
N VAL B 42 -1.33 -8.28 15.71
CA VAL B 42 -0.22 -8.31 16.66
C VAL B 42 0.76 -7.18 16.42
N ASP B 43 0.95 -6.33 17.43
CA ASP B 43 1.97 -5.28 17.41
C ASP B 43 3.34 -5.94 17.43
N LEU B 44 4.15 -5.66 16.41
CA LEU B 44 5.45 -6.32 16.29
C LEU B 44 6.59 -5.62 17.01
N GLY B 45 6.30 -4.47 17.61
CA GLY B 45 7.30 -3.61 18.22
C GLY B 45 8.43 -3.22 17.27
N GLU B 46 8.07 -2.91 16.03
CA GLU B 46 9.01 -2.54 14.98
C GLU B 46 8.42 -1.36 14.20
N GLU B 47 9.27 -0.40 13.83
CA GLU B 47 8.81 0.74 13.02
C GLU B 47 9.79 1.15 11.90
N GLY B 48 10.93 0.47 11.80
CA GLY B 48 11.96 0.82 10.81
C GLY B 48 11.79 -0.01 9.55
N PRO B 49 12.85 -0.72 9.13
CA PRO B 49 12.73 -1.67 8.02
C PRO B 49 11.71 -2.76 8.34
N PRO B 50 10.98 -3.25 7.32
CA PRO B 50 9.95 -4.27 7.51
C PRO B 50 10.50 -5.56 8.12
N PRO B 51 9.90 -5.98 9.24
CA PRO B 51 10.24 -7.28 9.81
C PRO B 51 9.49 -8.40 9.08
N ARG B 52 9.92 -9.64 9.30
CA ARG B 52 9.13 -10.78 8.90
C ARG B 52 8.57 -11.46 10.14
N ALA B 53 7.46 -12.16 9.97
CA ALA B 53 6.78 -12.85 11.06
C ALA B 53 6.35 -14.26 10.64
N PHE B 54 6.31 -15.17 11.63
CA PHE B 54 5.94 -16.56 11.42
C PHE B 54 5.05 -17.06 12.56
N TYR B 55 3.97 -17.75 12.19
CA TYR B 55 3.05 -18.37 13.14
C TYR B 55 2.91 -19.84 12.77
N GLN B 56 3.21 -20.71 13.75
CA GLN B 56 3.25 -22.18 13.55
C GLN B 56 4.15 -22.60 12.36
N GLY B 57 5.20 -21.82 12.14
CA GLY B 57 6.16 -22.08 11.05
C GLY B 57 5.80 -21.46 9.71
N LYS B 58 4.62 -20.85 9.62
CA LYS B 58 4.13 -20.28 8.37
C LYS B 58 4.34 -18.77 8.33
N PRO B 59 4.86 -18.24 7.20
CA PRO B 59 5.04 -16.79 7.06
C PRO B 59 3.69 -16.05 7.13
N VAL B 60 3.73 -14.86 7.73
CA VAL B 60 2.54 -14.10 8.12
C VAL B 60 2.55 -12.72 7.46
N LEU B 61 1.37 -12.24 7.06
CA LEU B 61 1.14 -10.87 6.56
C LEU B 61 1.59 -9.78 7.56
N VAL B 62 2.47 -8.90 7.09
CA VAL B 62 3.05 -7.82 7.89
C VAL B 62 2.81 -6.51 7.14
N VAL B 63 2.10 -5.58 7.79
CA VAL B 63 1.78 -4.28 7.19
C VAL B 63 2.07 -3.16 8.18
N ARG B 64 2.26 -1.93 7.68
CA ARG B 64 2.26 -0.77 8.55
C ARG B 64 0.82 -0.38 8.87
N GLU B 65 0.58 -0.02 10.12
CA GLU B 65 -0.71 0.49 10.56
C GLU B 65 -0.75 1.97 10.23
N GLU B 66 -1.47 2.30 9.15
CA GLU B 66 -1.60 3.65 8.62
C GLU B 66 -0.22 4.36 8.45
N GLY B 67 0.76 3.61 7.96
CA GLY B 67 2.12 4.14 7.73
C GLY B 67 3.02 4.22 8.95
N ARG B 68 2.54 3.76 10.10
CA ARG B 68 3.28 3.86 11.34
C ARG B 68 3.85 2.49 11.76
N ARG B 69 3.43 1.98 12.93
CA ARG B 69 3.99 0.73 13.47
C ARG B 69 3.71 -0.50 12.57
N TRP B 70 4.68 -1.40 12.50
CA TRP B 70 4.49 -2.68 11.83
C TRP B 70 3.62 -3.60 12.69
N ILE B 71 2.64 -4.22 12.06
CA ILE B 71 1.72 -5.15 12.72
C ILE B 71 1.62 -6.43 11.89
N ALA B 72 1.40 -7.55 12.55
CA ALA B 72 1.12 -8.79 11.84
C ALA B 72 -0.37 -9.01 11.87
N VAL B 73 -0.92 -9.50 10.77
CA VAL B 73 -2.34 -9.82 10.68
C VAL B 73 -2.40 -11.33 10.56
N VAL B 74 -2.75 -12.00 11.66
CA VAL B 74 -2.50 -13.44 11.82
C VAL B 74 -3.80 -14.24 11.76
N GLY B 75 -3.84 -15.21 10.84
CA GLY B 75 -4.99 -16.10 10.72
C GLY B 75 -4.88 -17.21 11.73
N ILE B 76 -6.00 -17.49 12.43
CA ILE B 76 -6.03 -18.51 13.49
CA ILE B 76 -6.02 -18.51 13.48
C ILE B 76 -6.84 -19.71 13.00
N PRO B 77 -6.17 -20.88 12.82
CA PRO B 77 -6.93 -22.05 12.35
C PRO B 77 -8.10 -22.39 13.27
N LEU B 78 -9.18 -22.95 12.71
CA LEU B 78 -10.37 -23.29 13.48
C LEU B 78 -10.07 -24.37 14.53
N SER B 79 -9.06 -25.20 14.30
CA SER B 79 -8.69 -26.24 15.25
C SER B 79 -7.80 -25.77 16.40
N THR B 80 -7.50 -24.47 16.44
CA THR B 80 -6.62 -23.94 17.49
C THR B 80 -7.32 -23.93 18.84
N LYS B 81 -6.69 -24.57 19.82
CA LYS B 81 -7.18 -24.52 21.19
C LYS B 81 -6.95 -23.13 21.75
N PRO B 82 -8.00 -22.51 22.35
CA PRO B 82 -7.83 -21.21 22.98
C PRO B 82 -6.71 -21.21 24.03
N GLY B 83 -6.03 -20.07 24.14
CA GLY B 83 -4.87 -19.95 24.99
C GLY B 83 -3.83 -19.03 24.37
N PRO B 84 -2.67 -18.86 25.06
CA PRO B 84 -1.57 -18.04 24.54
C PRO B 84 -0.92 -18.66 23.32
N GLN B 85 -0.50 -17.79 22.39
CA GLN B 85 0.14 -18.20 21.15
C GLN B 85 1.42 -17.41 20.98
N LYS B 86 2.33 -17.91 20.15
CA LYS B 86 3.62 -17.25 19.95
C LYS B 86 3.81 -16.91 18.47
N LEU B 87 4.26 -15.68 18.22
CA LEU B 87 4.61 -15.24 16.87
C LEU B 87 6.11 -14.99 16.83
N GLU B 88 6.81 -15.61 15.88
CA GLU B 88 8.24 -15.37 15.74
C GLU B 88 8.41 -14.13 14.89
N VAL B 89 9.14 -13.15 15.40
CA VAL B 89 9.42 -11.96 14.60
C VAL B 89 10.90 -11.97 14.23
N ARG B 90 11.17 -11.77 12.95
CA ARG B 90 12.52 -11.77 12.41
C ARG B 90 12.85 -10.38 11.91
N ALA B 91 13.88 -9.79 12.50
CA ALA B 91 14.26 -8.41 12.25
C ALA B 91 15.78 -8.29 12.34
N ALA B 92 16.36 -7.49 11.44
CA ALA B 92 17.81 -7.25 11.39
C ALA B 92 18.40 -6.79 12.71
N THR B 93 17.67 -5.95 13.43
CA THR B 93 18.09 -5.46 14.75
C THR B 93 18.01 -6.53 15.85
N GLY B 94 17.47 -7.70 15.52
CA GLY B 94 17.39 -8.81 16.46
C GLY B 94 16.02 -9.48 16.45
N ASN B 95 16.02 -10.80 16.43
CA ASN B 95 14.77 -11.56 16.41
C ASN B 95 14.14 -11.59 17.79
N HIS B 96 12.83 -11.67 17.82
CA HIS B 96 12.09 -11.72 19.08
C HIS B 96 10.77 -12.44 18.89
N GLU B 97 10.20 -12.89 20.01
CA GLU B 97 8.87 -13.51 20.00
C GLU B 97 7.83 -12.60 20.63
N GLU B 98 6.64 -12.56 20.00
CA GLU B 98 5.54 -11.75 20.51
C GLU B 98 4.34 -12.64 20.75
N ARG B 99 3.84 -12.62 21.99
CA ARG B 99 2.68 -13.42 22.31
C ARG B 99 1.37 -12.69 22.03
N PHE B 100 0.32 -13.47 21.80
CA PHE B 100 -1.03 -12.94 21.67
C PHE B 100 -1.99 -14.02 22.17
N SER B 101 -3.18 -13.61 22.56
CA SER B 101 -4.13 -14.52 23.17
C SER B 101 -5.22 -14.87 22.21
N VAL B 102 -5.58 -16.15 22.15
CA VAL B 102 -6.75 -16.58 21.41
C VAL B 102 -7.84 -16.90 22.44
N GLY B 103 -8.97 -16.23 22.30
CA GLY B 103 -10.14 -16.46 23.16
C GLY B 103 -11.08 -17.47 22.53
N SER B 104 -12.19 -17.76 23.21
CA SER B 104 -13.10 -18.78 22.71
C SER B 104 -14.26 -18.22 21.88
N LYS B 105 -14.77 -19.02 20.96
CA LYS B 105 -16.00 -18.71 20.23
C LYS B 105 -16.84 -19.97 20.02
N LEU B 123 -14.88 -44.38 -5.29
CA LEU B 123 -14.07 -44.99 -6.33
C LEU B 123 -12.61 -44.62 -6.16
N PRO B 124 -11.75 -45.57 -6.47
CA PRO B 124 -10.30 -45.37 -6.35
C PRO B 124 -9.79 -44.34 -7.33
N GLU B 125 -10.35 -44.36 -8.53
CA GLU B 125 -9.96 -43.43 -9.57
C GLU B 125 -10.40 -42.03 -9.17
N ASP B 126 -11.50 -41.97 -8.44
CA ASP B 126 -12.02 -40.69 -7.97
C ASP B 126 -11.08 -40.19 -6.87
N LEU B 127 -10.63 -41.12 -6.04
CA LEU B 127 -9.75 -40.83 -4.93
C LEU B 127 -8.39 -40.30 -5.36
N LYS B 128 -7.89 -40.79 -6.49
CA LYS B 128 -6.61 -40.35 -7.00
C LYS B 128 -6.70 -38.88 -7.39
N ARG B 129 -7.76 -38.57 -8.12
CA ARG B 129 -8.09 -37.21 -8.54
C ARG B 129 -8.29 -36.29 -7.33
N ILE B 130 -9.16 -36.69 -6.41
CA ILE B 130 -9.43 -35.95 -5.17
C ILE B 130 -8.16 -35.61 -4.38
N GLU B 131 -7.26 -36.58 -4.24
CA GLU B 131 -5.95 -36.39 -3.60
C GLU B 131 -5.14 -35.30 -4.31
N ARG B 132 -5.02 -35.41 -5.63
CA ARG B 132 -4.27 -34.44 -6.42
C ARG B 132 -4.88 -33.03 -6.33
N GLU B 133 -6.21 -32.95 -6.40
CA GLU B 133 -6.90 -31.67 -6.29
C GLU B 133 -6.75 -31.03 -4.91
N LEU B 134 -6.69 -31.86 -3.88
CA LEU B 134 -6.43 -31.40 -2.50
C LEU B 134 -5.03 -30.83 -2.36
N ALA B 135 -4.06 -31.51 -2.97
CA ALA B 135 -2.66 -31.09 -2.90
C ALA B 135 -2.44 -29.74 -3.59
N GLU B 136 -3.12 -29.54 -4.72
CA GLU B 136 -3.07 -28.28 -5.47
C GLU B 136 -3.59 -27.10 -4.65
N GLN B 137 -4.71 -27.32 -3.98
CA GLN B 137 -5.38 -26.27 -3.22
C GLN B 137 -4.61 -25.95 -1.95
N THR B 138 -4.07 -27.00 -1.34
CA THR B 138 -3.18 -26.87 -0.18
C THR B 138 -1.94 -26.04 -0.50
N ALA B 139 -1.33 -26.32 -1.66
CA ALA B 139 -0.16 -25.59 -2.14
C ALA B 139 -0.46 -24.12 -2.41
N ALA B 140 -1.62 -23.86 -3.01
CA ALA B 140 -2.07 -22.50 -3.31
C ALA B 140 -2.21 -21.63 -2.05
N TYR B 141 -2.81 -22.17 -0.99
CA TYR B 141 -2.98 -21.42 0.27
C TYR B 141 -1.65 -21.14 0.97
N ARG B 142 -0.63 -21.95 0.66
CA ARG B 142 0.70 -21.82 1.24
C ARG B 142 1.62 -20.88 0.49
N ARG B 143 1.12 -20.36 -0.64
CA ARG B 143 1.87 -19.37 -1.40
C ARG B 143 2.03 -18.11 -0.57
N PHE B 144 3.25 -17.56 -0.57
CA PHE B 144 3.56 -16.34 0.17
C PHE B 144 4.37 -15.40 -0.69
N SER B 145 3.66 -14.59 -1.48
CA SER B 145 4.27 -13.62 -2.39
C SER B 145 4.59 -12.32 -1.63
N PRO B 146 5.57 -11.53 -2.10
CA PRO B 146 6.07 -10.43 -1.27
C PRO B 146 5.21 -9.16 -1.17
N GLY B 147 4.24 -8.99 -2.07
CA GLY B 147 3.45 -7.75 -2.15
C GLY B 147 2.46 -7.45 -1.03
N LEU B 148 2.20 -6.17 -0.83
CA LEU B 148 1.24 -5.73 0.19
C LEU B 148 -0.17 -5.71 -0.41
N PRO B 149 -1.17 -6.21 0.35
CA PRO B 149 -2.55 -6.16 -0.10
C PRO B 149 -3.02 -4.74 -0.38
N SER B 150 -3.83 -4.62 -1.41
CA SER B 150 -4.37 -3.32 -1.83
C SER B 150 -5.29 -2.75 -0.76
N ASN B 151 -6.01 -3.64 -0.08
CA ASN B 151 -6.92 -3.27 1.00
C ASN B 151 -7.14 -4.47 1.93
N LEU B 152 -7.23 -4.22 3.23
CA LEU B 152 -7.48 -5.29 4.21
C LEU B 152 -8.96 -5.41 4.56
N MET B 153 -9.66 -4.28 4.50
CA MET B 153 -11.13 -4.29 4.56
C MET B 153 -11.63 -4.65 3.18
N LEU B 154 -12.22 -5.84 3.09
CA LEU B 154 -12.55 -6.43 1.80
C LEU B 154 -13.97 -6.07 1.40
N ASP B 155 -14.21 -5.92 0.10
CA ASP B 155 -15.55 -5.74 -0.42
C ASP B 155 -16.23 -7.09 -0.44
N LYS B 156 -17.55 -7.09 -0.28
CA LYS B 156 -18.36 -8.29 -0.54
C LYS B 156 -18.20 -8.63 -2.01
N PRO B 157 -17.86 -9.90 -2.29
CA PRO B 157 -17.64 -10.33 -3.67
C PRO B 157 -18.93 -10.36 -4.50
N VAL B 158 -20.08 -10.45 -3.84
CA VAL B 158 -21.37 -10.33 -4.51
C VAL B 158 -22.30 -9.38 -3.76
N ASP B 159 -23.16 -8.69 -4.51
CA ASP B 159 -24.15 -7.78 -3.95
C ASP B 159 -25.39 -8.59 -3.55
N GLY B 160 -25.29 -9.26 -2.40
CA GLY B 160 -26.37 -10.11 -1.90
C GLY B 160 -26.22 -10.42 -0.43
N PRO B 161 -27.31 -10.85 0.23
CA PRO B 161 -27.32 -11.16 1.66
C PRO B 161 -26.44 -12.35 2.01
N LEU B 162 -25.84 -12.30 3.19
CA LEU B 162 -25.02 -13.40 3.70
C LEU B 162 -25.92 -14.59 4.03
N SER B 163 -25.43 -15.79 3.74
CA SER B 163 -26.17 -17.00 4.03
C SER B 163 -25.52 -17.76 5.19
N SER B 164 -24.91 -18.90 4.90
CA SER B 164 -24.26 -19.72 5.92
C SER B 164 -22.93 -19.11 6.40
N PRO B 165 -22.73 -19.04 7.74
CA PRO B 165 -21.44 -18.88 8.45
C PRO B 165 -20.58 -20.07 8.04
N PHE B 166 -19.24 -20.04 8.03
CA PHE B 166 -18.30 -19.72 9.13
C PHE B 166 -18.65 -19.96 10.59
N GLY B 167 -18.46 -21.24 10.89
CA GLY B 167 -18.67 -21.89 12.16
C GLY B 167 -18.51 -23.38 11.93
N PRO B 179 -16.22 -28.92 9.04
CA PRO B 179 -16.84 -27.63 9.33
C PRO B 179 -16.87 -26.71 8.10
N HIS B 180 -17.83 -25.78 8.07
CA HIS B 180 -17.99 -24.84 6.97
C HIS B 180 -16.87 -23.81 6.96
N SER B 181 -15.91 -24.00 6.05
CA SER B 181 -14.65 -23.27 6.05
C SER B 181 -14.68 -21.88 5.39
N GLY B 182 -15.88 -21.42 5.06
CA GLY B 182 -16.07 -20.10 4.45
C GLY B 182 -17.43 -19.49 4.68
N LEU B 183 -17.71 -18.43 3.93
CA LEU B 183 -18.96 -17.69 4.05
C LEU B 183 -19.79 -17.84 2.77
N ASP B 184 -21.06 -18.15 2.94
CA ASP B 184 -22.02 -18.20 1.83
C ASP B 184 -22.79 -16.91 1.62
N PHE B 185 -23.29 -16.73 0.40
CA PHE B 185 -24.17 -15.60 0.06
C PHE B 185 -25.37 -16.13 -0.71
N ALA B 186 -26.56 -15.69 -0.29
CA ALA B 186 -27.80 -16.06 -0.98
C ALA B 186 -27.96 -15.24 -2.27
N VAL B 187 -27.39 -15.75 -3.35
CA VAL B 187 -27.48 -15.13 -4.68
C VAL B 187 -27.76 -16.21 -5.75
N PRO B 188 -28.50 -15.86 -6.82
CA PRO B 188 -28.79 -16.85 -7.87
C PRO B 188 -27.58 -17.16 -8.77
N ALA B 189 -27.69 -18.25 -9.53
CA ALA B 189 -26.70 -18.63 -10.55
C ALA B 189 -26.60 -17.56 -11.63
N GLY B 190 -25.38 -17.24 -12.03
CA GLY B 190 -25.15 -16.18 -13.01
C GLY B 190 -24.75 -14.84 -12.41
N THR B 191 -24.86 -14.71 -11.09
CA THR B 191 -24.44 -13.48 -10.37
C THR B 191 -22.93 -13.29 -10.52
N PRO B 192 -22.47 -12.11 -10.96
CA PRO B 192 -21.03 -11.85 -11.11
C PRO B 192 -20.29 -11.77 -9.77
N ILE B 193 -19.15 -12.45 -9.68
CA ILE B 193 -18.29 -12.46 -8.50
C ILE B 193 -17.11 -11.53 -8.74
N LYS B 194 -16.94 -10.56 -7.84
CA LYS B 194 -15.91 -9.54 -7.95
C LYS B 194 -14.80 -9.75 -6.94
N ALA B 195 -13.58 -9.43 -7.32
CA ALA B 195 -12.43 -9.53 -6.44
C ALA B 195 -12.60 -8.57 -5.24
N PRO B 196 -12.51 -9.11 -4.00
CA PRO B 196 -12.64 -8.31 -2.77
C PRO B 196 -11.45 -7.36 -2.53
N ALA B 197 -10.29 -7.72 -3.09
CA ALA B 197 -9.09 -6.87 -3.15
C ALA B 197 -8.36 -7.22 -4.44
N ALA B 198 -7.36 -6.42 -4.82
CA ALA B 198 -6.57 -6.74 -6.00
C ALA B 198 -5.73 -7.99 -5.74
N GLY B 199 -5.31 -8.65 -6.81
CA GLY B 199 -4.35 -9.73 -6.66
C GLY B 199 -4.14 -10.54 -7.92
N LYS B 200 -3.41 -11.64 -7.78
CA LYS B 200 -3.07 -12.49 -8.88
C LYS B 200 -3.82 -13.81 -8.78
N VAL B 201 -4.41 -14.23 -9.90
CA VAL B 201 -5.05 -15.54 -9.99
C VAL B 201 -3.95 -16.59 -9.95
N ILE B 202 -3.81 -17.25 -8.81
CA ILE B 202 -2.74 -18.22 -8.63
C ILE B 202 -3.16 -19.67 -8.80
N LEU B 203 -4.48 -19.91 -8.83
CA LEU B 203 -4.99 -21.26 -9.10
C LEU B 203 -6.39 -21.20 -9.68
N ILE B 204 -6.61 -21.99 -10.73
CA ILE B 204 -7.94 -22.25 -11.25
C ILE B 204 -8.09 -23.78 -11.34
N GLY B 205 -9.30 -24.27 -11.07
CA GLY B 205 -9.53 -25.70 -11.13
C GLY B 205 -10.97 -26.04 -11.41
N ASP B 206 -11.21 -27.29 -11.82
CA ASP B 206 -12.56 -27.81 -11.92
CA ASP B 206 -12.56 -27.81 -11.94
C ASP B 206 -12.58 -29.11 -11.13
N TYR B 207 -12.92 -28.97 -9.86
CA TYR B 207 -12.68 -30.02 -8.88
C TYR B 207 -13.87 -30.89 -8.55
N PHE B 208 -13.60 -32.08 -8.02
CA PHE B 208 -14.64 -33.08 -7.70
C PHE B 208 -15.64 -32.53 -6.67
N PHE B 209 -15.11 -31.99 -5.59
CA PHE B 209 -15.96 -31.42 -4.55
C PHE B 209 -16.30 -29.94 -4.85
N ASN B 210 -15.27 -29.13 -5.07
CA ASN B 210 -15.47 -27.67 -5.15
C ASN B 210 -15.95 -27.14 -6.48
N GLY B 211 -15.93 -27.97 -7.52
CA GLY B 211 -16.33 -27.55 -8.86
C GLY B 211 -15.37 -26.49 -9.39
N LYS B 212 -15.90 -25.54 -10.14
CA LYS B 212 -15.08 -24.50 -10.74
C LYS B 212 -14.62 -23.55 -9.63
N THR B 213 -13.31 -23.40 -9.52
CA THR B 213 -12.65 -22.80 -8.37
C THR B 213 -11.63 -21.78 -8.83
N VAL B 214 -11.58 -20.63 -8.15
CA VAL B 214 -10.58 -19.59 -8.43
C VAL B 214 -9.91 -19.12 -7.13
N PHE B 215 -8.58 -19.12 -7.12
CA PHE B 215 -7.78 -18.61 -6.00
C PHE B 215 -7.16 -17.27 -6.41
N VAL B 216 -7.36 -16.24 -5.58
CA VAL B 216 -6.77 -14.93 -5.82
C VAL B 216 -5.83 -14.55 -4.67
N ASP B 217 -4.55 -14.43 -4.99
CA ASP B 217 -3.51 -14.04 -4.03
C ASP B 217 -3.47 -12.52 -3.88
N HIS B 218 -3.94 -12.00 -2.76
CA HIS B 218 -3.82 -10.57 -2.48
C HIS B 218 -2.41 -10.17 -2.01
N GLY B 219 -1.58 -11.16 -1.65
CA GLY B 219 -0.19 -10.89 -1.26
C GLY B 219 0.09 -11.32 0.16
N GLN B 220 1.32 -11.80 0.38
CA GLN B 220 1.78 -12.24 1.71
C GLN B 220 0.81 -13.18 2.43
N GLY B 221 0.34 -14.18 1.68
CA GLY B 221 -0.52 -15.23 2.21
C GLY B 221 -1.99 -14.92 2.36
N PHE B 222 -2.38 -13.67 2.07
CA PHE B 222 -3.77 -13.19 2.19
C PHE B 222 -4.46 -13.57 0.89
N ILE B 223 -5.28 -14.61 0.93
CA ILE B 223 -5.77 -15.28 -0.28
C ILE B 223 -7.29 -15.46 -0.21
N SER B 224 -7.98 -15.08 -1.29
CA SER B 224 -9.41 -15.41 -1.44
C SER B 224 -9.58 -16.61 -2.37
N MET B 225 -10.51 -17.50 -2.00
CA MET B 225 -10.90 -18.60 -2.88
C MET B 225 -12.41 -18.58 -3.10
N PHE B 226 -12.82 -18.87 -4.32
CA PHE B 226 -14.24 -18.97 -4.69
C PHE B 226 -14.47 -20.26 -5.43
N CYS B 227 -15.56 -20.95 -5.12
CA CYS B 227 -15.82 -22.25 -5.71
C CYS B 227 -17.29 -22.44 -6.08
N HIS B 228 -17.55 -23.55 -6.79
CA HIS B 228 -18.85 -23.88 -7.39
C HIS B 228 -19.29 -22.89 -8.47
N LEU B 229 -18.35 -22.23 -9.13
CA LEU B 229 -18.68 -21.24 -10.17
C LEU B 229 -19.33 -21.87 -11.42
N SER B 230 -20.23 -21.15 -12.08
CA SER B 230 -20.76 -21.60 -13.36
C SER B 230 -19.79 -21.27 -14.51
N LYS B 231 -19.07 -20.16 -14.35
CA LYS B 231 -18.19 -19.64 -15.38
C LYS B 231 -17.01 -18.93 -14.70
N ILE B 232 -15.80 -19.17 -15.20
CA ILE B 232 -14.61 -18.40 -14.77
C ILE B 232 -14.20 -17.43 -15.87
N ASP B 233 -14.11 -16.14 -15.52
CA ASP B 233 -13.85 -15.08 -16.46
C ASP B 233 -12.40 -14.59 -16.47
N VAL B 234 -11.57 -15.18 -15.63
CA VAL B 234 -10.16 -14.80 -15.52
C VAL B 234 -9.24 -15.94 -15.95
N LYS B 235 -7.98 -15.60 -16.23
CA LYS B 235 -6.99 -16.61 -16.62
C LYS B 235 -6.01 -16.82 -15.49
N LEU B 236 -5.33 -17.98 -15.50
CA LEU B 236 -4.24 -18.25 -14.56
C LEU B 236 -3.13 -17.24 -14.79
N GLY B 237 -2.61 -16.68 -13.70
CA GLY B 237 -1.56 -15.68 -13.78
C GLY B 237 -2.04 -14.26 -13.97
N GLN B 238 -3.35 -14.08 -14.17
CA GLN B 238 -3.92 -12.76 -14.40
C GLN B 238 -3.90 -11.97 -13.11
N GLN B 239 -3.48 -10.71 -13.24
CA GLN B 239 -3.58 -9.75 -12.16
C GLN B 239 -4.86 -8.96 -12.34
N VAL B 240 -5.65 -8.93 -11.27
CA VAL B 240 -6.97 -8.35 -11.28
C VAL B 240 -7.06 -7.20 -10.28
N PRO B 241 -7.80 -6.14 -10.63
CA PRO B 241 -8.04 -5.10 -9.65
C PRO B 241 -9.12 -5.52 -8.65
N ARG B 242 -9.18 -4.82 -7.52
CA ARG B 242 -10.33 -4.87 -6.63
C ARG B 242 -11.57 -4.51 -7.44
N GLY B 243 -12.59 -5.37 -7.37
CA GLY B 243 -13.81 -5.19 -8.17
C GLY B 243 -13.80 -5.92 -9.50
N GLY B 244 -12.63 -6.41 -9.91
CA GLY B 244 -12.49 -7.16 -11.16
C GLY B 244 -13.34 -8.41 -11.15
N VAL B 245 -14.05 -8.64 -12.26
CA VAL B 245 -14.96 -9.78 -12.36
C VAL B 245 -14.17 -11.08 -12.58
N LEU B 246 -14.30 -12.00 -11.63
CA LEU B 246 -13.61 -13.29 -11.66
C LEU B 246 -14.41 -14.36 -12.41
N GLY B 247 -15.73 -14.19 -12.42
CA GLY B 247 -16.63 -15.18 -12.99
C GLY B 247 -18.02 -15.05 -12.40
N LYS B 248 -18.80 -16.14 -12.49
CA LYS B 248 -20.24 -16.13 -12.26
C LYS B 248 -20.67 -17.25 -11.31
N VAL B 249 -21.57 -16.95 -10.37
CA VAL B 249 -22.09 -17.91 -9.38
C VAL B 249 -22.70 -19.14 -10.07
N GLY B 250 -22.48 -20.33 -9.51
CA GLY B 250 -23.10 -21.54 -10.04
C GLY B 250 -23.32 -22.62 -8.99
N ALA B 251 -23.39 -23.86 -9.46
CA ALA B 251 -23.65 -25.02 -8.61
C ALA B 251 -22.76 -26.20 -8.98
N THR B 252 -21.60 -25.92 -9.58
CA THR B 252 -20.70 -26.98 -10.06
C THR B 252 -20.04 -27.72 -8.91
N GLY B 253 -19.59 -28.94 -9.20
CA GLY B 253 -19.02 -29.82 -8.17
C GLY B 253 -20.11 -30.47 -7.35
N ARG B 254 -19.82 -30.70 -6.07
CA ARG B 254 -20.81 -31.30 -5.17
C ARG B 254 -21.63 -30.22 -4.46
N ALA B 255 -22.58 -29.65 -5.20
CA ALA B 255 -23.47 -28.63 -4.66
C ALA B 255 -24.93 -28.97 -5.00
N THR B 256 -25.83 -28.62 -4.08
CA THR B 256 -27.27 -28.83 -4.25
C THR B 256 -27.99 -27.49 -4.51
N GLY B 257 -27.95 -27.05 -5.76
CA GLY B 257 -28.44 -25.72 -6.14
C GLY B 257 -27.32 -24.68 -6.02
N PRO B 258 -27.62 -23.42 -6.41
CA PRO B 258 -26.60 -22.36 -6.48
C PRO B 258 -25.89 -22.12 -5.15
N HIS B 259 -24.56 -22.15 -5.17
CA HIS B 259 -23.76 -22.08 -3.97
C HIS B 259 -22.53 -21.17 -4.16
N MET B 260 -22.73 -19.90 -3.84
CA MET B 260 -21.68 -18.89 -3.77
C MET B 260 -20.91 -19.08 -2.45
N HIS B 261 -19.68 -19.61 -2.57
CA HIS B 261 -18.84 -19.88 -1.41
C HIS B 261 -17.55 -19.09 -1.49
N TRP B 262 -17.18 -18.46 -0.38
CA TRP B 262 -15.99 -17.61 -0.31
C TRP B 262 -15.14 -18.01 0.88
N ASN B 263 -13.90 -18.40 0.60
CA ASN B 263 -12.89 -18.64 1.62
C ASN B 263 -11.88 -17.50 1.66
N VAL B 264 -11.46 -17.16 2.87
CA VAL B 264 -10.37 -16.21 3.11
C VAL B 264 -9.33 -16.94 3.93
N SER B 265 -8.09 -16.89 3.47
CA SER B 265 -7.01 -17.55 4.14
C SER B 265 -5.92 -16.53 4.48
N LEU B 266 -5.32 -16.73 5.65
CA LEU B 266 -4.15 -15.97 6.10
C LEU B 266 -3.17 -16.98 6.66
N ASN B 267 -1.89 -16.89 6.28
CA ASN B 267 -0.84 -17.81 6.76
C ASN B 267 -1.27 -19.29 6.78
N ASP B 268 -1.93 -19.72 5.70
CA ASP B 268 -2.46 -21.09 5.56
C ASP B 268 -3.48 -21.47 6.66
N ALA B 269 -4.27 -20.48 7.06
CA ALA B 269 -5.39 -20.68 8.00
C ALA B 269 -6.66 -20.08 7.42
N ARG B 270 -7.65 -20.92 7.14
CA ARG B 270 -8.97 -20.41 6.73
C ARG B 270 -9.66 -19.72 7.88
N VAL B 271 -10.09 -18.48 7.62
CA VAL B 271 -10.65 -17.60 8.64
C VAL B 271 -12.00 -17.06 8.19
N ASP B 272 -12.73 -16.46 9.12
CA ASP B 272 -14.07 -15.94 8.87
C ASP B 272 -14.05 -14.69 7.96
N PRO B 273 -14.56 -14.82 6.71
CA PRO B 273 -14.61 -13.67 5.80
C PRO B 273 -15.51 -12.53 6.26
N ALA B 274 -16.45 -12.82 7.17
CA ALA B 274 -17.28 -11.78 7.77
C ALA B 274 -16.48 -10.73 8.55
N ILE B 275 -15.35 -11.13 9.13
CA ILE B 275 -14.42 -10.22 9.81
C ILE B 275 -13.98 -9.07 8.88
N PHE B 276 -13.65 -9.42 7.65
CA PHE B 276 -13.06 -8.49 6.69
C PHE B 276 -14.06 -7.52 6.04
N ILE B 277 -15.33 -7.88 6.06
CA ILE B 277 -16.38 -7.04 5.49
C ILE B 277 -17.11 -6.24 6.58
N GLY B 278 -16.74 -6.50 7.84
CA GLY B 278 -17.32 -5.79 8.98
C GLY B 278 -18.59 -6.41 9.52
N ALA B 279 -18.70 -7.73 9.37
CA ALA B 279 -19.90 -8.47 9.76
C ALA B 279 -19.67 -9.54 10.83
N PHE B 280 -18.57 -9.41 11.58
CA PHE B 280 -18.33 -10.22 12.78
C PHE B 280 -19.13 -9.63 13.93
ZN ZN C . 10.55 28.36 2.89
ZN ZN D . -20.26 -22.58 1.36
#